data_8EGI
#
_entry.id   8EGI
#
_cell.length_a   62.893
_cell.length_b   82.562
_cell.length_c   105.240
_cell.angle_alpha   90.000
_cell.angle_beta   90.000
_cell.angle_gamma   90.000
#
_symmetry.space_group_name_H-M   'P 21 21 21'
#
loop_
_entity.id
_entity.type
_entity.pdbx_description
1 polymer 'Hemoglobin subunit alpha'
2 polymer 'Hemoglobin subunit beta'
3 non-polymer 'CARBON MONOXIDE'
4 non-polymer 'PROTOPORPHYRIN IX CONTAINING FE'
5 non-polymer '{6-[(3-hydroxy-2-methylphenoxy)methyl]pyridin-2-yl}methyl nitrate'
6 water water
#
loop_
_entity_poly.entity_id
_entity_poly.type
_entity_poly.pdbx_seq_one_letter_code
_entity_poly.pdbx_strand_id
1 'polypeptide(L)'
;MVLSPADKTNVKAAWGKVGAHAGEYGAEALERMFLSFPTTKTYFPHFDLSHGSAQVKGHGKKVADALTNAVAHVDDMPNA
LSALSDLHAHKLRVDPVNFKLLSHCLLVTLAAHLPAEFTPAVHASLDKFLASVSTVLTSKYR
;
A,C
2 'polypeptide(L)'
;MVHLTPEEKSAVTALWGKVNVDEVGGEALGRLLVVYPWTQRFFESFGDLSTPDAVMGNPKVKAHGKKVLGAFSDGLAHLD
NLKGTFATLSELHCDKLHVDPENFRLLGNVLVCVLAHHFGKEFTPPVQAAYQKVVAGVANALAHKYH
;
B,D
#
# COMPACT_ATOMS: atom_id res chain seq x y z
N VAL A 2 6.94 -1.62 -13.73
CA VAL A 2 7.77 -1.95 -14.88
C VAL A 2 7.23 -3.23 -15.50
N LEU A 3 6.64 -3.10 -16.69
CA LEU A 3 6.10 -4.25 -17.38
C LEU A 3 7.20 -4.95 -18.18
N SER A 4 7.09 -6.25 -18.28
CA SER A 4 7.93 -7.05 -19.14
C SER A 4 7.38 -7.00 -20.56
N PRO A 5 8.17 -7.41 -21.55
CA PRO A 5 7.59 -7.59 -22.89
C PRO A 5 6.36 -8.49 -22.87
N ALA A 6 6.36 -9.54 -22.03
CA ALA A 6 5.21 -10.43 -21.95
C ALA A 6 4.00 -9.71 -21.40
N ASP A 7 4.17 -8.96 -20.31
CA ASP A 7 3.10 -8.12 -19.76
C ASP A 7 2.44 -7.30 -20.86
N LYS A 8 3.26 -6.61 -21.65
CA LYS A 8 2.73 -5.74 -22.68
C LYS A 8 1.90 -6.53 -23.69
N THR A 9 2.42 -7.68 -24.16
CA THR A 9 1.63 -8.48 -25.11
C THR A 9 0.38 -9.06 -24.45
N ASN A 10 0.47 -9.48 -23.18
CA ASN A 10 -0.73 -9.94 -22.47
C ASN A 10 -1.80 -8.85 -22.42
N VAL A 11 -1.39 -7.63 -22.13
CA VAL A 11 -2.34 -6.55 -21.93
C VAL A 11 -2.98 -6.13 -23.25
N LYS A 12 -2.18 -6.02 -24.32
CA LYS A 12 -2.72 -5.65 -25.62
C LYS A 12 -3.70 -6.71 -26.11
N ALA A 13 -3.33 -7.98 -26.02
CA ALA A 13 -4.24 -9.04 -26.45
C ALA A 13 -5.54 -9.02 -25.67
N ALA A 14 -5.46 -8.89 -24.34
CA ALA A 14 -6.66 -8.98 -23.53
C ALA A 14 -7.51 -7.74 -23.69
N TRP A 15 -6.89 -6.56 -23.71
CA TRP A 15 -7.68 -5.37 -23.89
C TRP A 15 -8.14 -5.22 -25.33
N GLY A 16 -7.40 -5.80 -26.28
CA GLY A 16 -7.91 -5.88 -27.64
C GLY A 16 -9.27 -6.56 -27.74
N LYS A 17 -9.57 -7.48 -26.82
CA LYS A 17 -10.83 -8.21 -26.88
C LYS A 17 -12.01 -7.34 -26.50
N VAL A 18 -11.78 -6.34 -25.64
CA VAL A 18 -12.86 -5.46 -25.21
C VAL A 18 -13.50 -4.79 -26.42
N GLY A 19 -12.69 -4.37 -27.39
CA GLY A 19 -13.17 -3.77 -28.62
C GLY A 19 -14.21 -2.71 -28.38
N ALA A 20 -15.42 -2.94 -28.86
CA ALA A 20 -16.52 -1.98 -28.82
C ALA A 20 -17.27 -1.99 -27.49
N HIS A 21 -16.93 -2.87 -26.56
CA HIS A 21 -17.55 -2.87 -25.25
C HIS A 21 -16.87 -1.91 -24.27
N ALA A 22 -15.91 -1.11 -24.77
CA ALA A 22 -15.14 -0.21 -23.92
C ALA A 22 -16.02 0.59 -22.97
N GLY A 23 -17.02 1.30 -23.50
CA GLY A 23 -17.85 2.15 -22.66
C GLY A 23 -18.76 1.36 -21.74
N GLU A 24 -19.28 0.23 -22.22
CA GLU A 24 -20.05 -0.65 -21.35
C GLU A 24 -19.20 -1.12 -20.18
N TYR A 25 -17.96 -1.55 -20.44
CA TYR A 25 -17.12 -2.10 -19.37
C TYR A 25 -16.60 -0.98 -18.47
N GLY A 26 -16.23 0.16 -19.04
CA GLY A 26 -15.88 1.31 -18.22
C GLY A 26 -16.99 1.67 -17.25
N ALA A 27 -18.21 1.81 -17.75
CA ALA A 27 -19.35 2.13 -16.88
C ALA A 27 -19.58 1.06 -15.82
N GLU A 28 -19.53 -0.22 -16.22
CA GLU A 28 -19.72 -1.30 -15.26
C GLU A 28 -18.69 -1.23 -14.14
N ALA A 29 -17.42 -0.99 -14.49
CA ALA A 29 -16.34 -0.90 -13.48
C ALA A 29 -16.56 0.31 -12.56
N LEU A 30 -17.08 1.39 -13.11
CA LEU A 30 -17.39 2.56 -12.28
C LEU A 30 -18.51 2.20 -11.33
N GLU A 31 -19.56 1.58 -11.84
CA GLU A 31 -20.71 1.18 -11.01
C GLU A 31 -20.24 0.17 -9.96
N ARG A 32 -19.36 -0.74 -10.32
CA ARG A 32 -18.86 -1.72 -9.35
C ARG A 32 -18.15 -0.96 -8.23
N MET A 33 -17.34 0.03 -8.57
CA MET A 33 -16.58 0.82 -7.57
C MET A 33 -17.53 1.64 -6.68
N PHE A 34 -18.55 2.28 -7.26
CA PHE A 34 -19.44 3.11 -6.45
C PHE A 34 -20.27 2.27 -5.49
N LEU A 35 -20.75 1.10 -5.94
CA LEU A 35 -21.57 0.23 -5.10
C LEU A 35 -20.74 -0.42 -3.99
N SER A 36 -19.59 -1.00 -4.34
CA SER A 36 -18.79 -1.75 -3.36
C SER A 36 -18.05 -0.85 -2.39
N PHE A 37 -17.62 0.33 -2.83
CA PHE A 37 -16.77 1.22 -2.05
C PHE A 37 -17.38 2.62 -2.09
N PRO A 38 -18.46 2.83 -1.33
CA PRO A 38 -19.25 4.07 -1.45
C PRO A 38 -18.47 5.36 -1.23
N THR A 39 -17.34 5.34 -0.51
CA THR A 39 -16.61 6.59 -0.30
C THR A 39 -15.99 7.11 -1.60
N THR A 40 -15.74 6.25 -2.58
CA THR A 40 -15.24 6.74 -3.87
C THR A 40 -16.20 7.75 -4.50
N LYS A 41 -17.48 7.74 -4.11
CA LYS A 41 -18.45 8.69 -4.65
C LYS A 41 -18.11 10.13 -4.29
N THR A 42 -17.44 10.35 -3.16
CA THR A 42 -17.16 11.72 -2.73
C THR A 42 -16.29 12.46 -3.73
N TYR A 43 -15.68 11.76 -4.67
CA TYR A 43 -15.01 12.48 -5.74
C TYR A 43 -15.95 12.87 -6.86
N PHE A 44 -17.19 12.40 -6.84
CA PHE A 44 -18.15 12.75 -7.90
C PHE A 44 -19.43 13.33 -7.29
N PRO A 45 -19.31 14.38 -6.45
CA PRO A 45 -20.53 14.89 -5.82
C PRO A 45 -21.47 15.57 -6.81
N HIS A 46 -20.92 16.17 -7.88
CA HIS A 46 -21.72 16.84 -8.88
C HIS A 46 -22.31 15.88 -9.92
N PHE A 47 -21.95 14.59 -9.86
CA PHE A 47 -22.45 13.60 -10.82
C PHE A 47 -23.79 13.04 -10.36
N ASP A 48 -24.59 12.63 -11.33
CA ASP A 48 -25.70 11.71 -11.07
C ASP A 48 -25.13 10.30 -10.98
N LEU A 49 -25.21 9.69 -9.81
CA LEU A 49 -24.63 8.39 -9.54
C LEU A 49 -25.67 7.28 -9.34
N SER A 50 -26.94 7.56 -9.57
CA SER A 50 -27.94 6.48 -9.59
C SER A 50 -27.62 5.50 -10.70
N HIS A 51 -28.05 4.24 -10.52
CA HIS A 51 -27.62 3.17 -11.42
C HIS A 51 -28.17 3.37 -12.82
N GLY A 52 -27.33 3.28 -13.80
CA GLY A 52 -27.79 3.41 -15.17
C GLY A 52 -27.77 4.82 -15.66
N SER A 53 -27.27 5.73 -14.85
CA SER A 53 -27.16 7.15 -15.19
C SER A 53 -26.37 7.35 -16.46
N ALA A 54 -26.89 8.19 -17.29
CA ALA A 54 -26.26 8.56 -18.55
C ALA A 54 -24.93 9.24 -18.26
N GLN A 55 -24.84 9.99 -17.18
CA GLN A 55 -23.59 10.68 -16.90
C GLN A 55 -22.48 9.67 -16.57
N VAL A 56 -22.79 8.67 -15.74
CA VAL A 56 -21.81 7.63 -15.46
C VAL A 56 -21.47 6.85 -16.73
N LYS A 57 -22.48 6.51 -17.53
CA LYS A 57 -22.24 5.74 -18.76
C LYS A 57 -21.25 6.45 -19.67
N GLY A 58 -21.47 7.73 -19.93
CA GLY A 58 -20.58 8.44 -20.84
C GLY A 58 -19.22 8.66 -20.24
N HIS A 59 -19.18 8.79 -18.93
CA HIS A 59 -17.89 8.90 -18.27
C HIS A 59 -17.14 7.57 -18.30
N GLY A 60 -17.85 6.45 -18.18
CA GLY A 60 -17.20 5.16 -18.34
C GLY A 60 -16.49 5.04 -19.68
N LYS A 61 -17.14 5.49 -20.75
CA LYS A 61 -16.52 5.46 -22.08
C LYS A 61 -15.23 6.27 -22.12
N LYS A 62 -15.21 7.43 -21.46
CA LYS A 62 -13.99 8.22 -21.42
C LYS A 62 -12.88 7.48 -20.68
N VAL A 63 -13.23 6.74 -19.64
CA VAL A 63 -12.22 6.00 -18.89
C VAL A 63 -11.62 4.88 -19.73
N ALA A 64 -12.48 4.03 -20.32
CA ALA A 64 -11.96 2.94 -21.15
C ALA A 64 -11.09 3.45 -22.30
N ASP A 65 -11.47 4.58 -22.93
CA ASP A 65 -10.67 5.10 -24.04
C ASP A 65 -9.29 5.53 -23.58
N ALA A 66 -9.18 6.12 -22.38
CA ALA A 66 -7.85 6.46 -21.86
C ALA A 66 -7.04 5.20 -21.62
N LEU A 67 -7.69 4.16 -21.09
CA LEU A 67 -7.02 2.87 -20.97
C LEU A 67 -6.58 2.35 -22.33
N THR A 68 -7.49 2.36 -23.32
CA THR A 68 -7.11 2.00 -24.68
C THR A 68 -5.93 2.83 -25.17
N ASN A 69 -5.92 4.13 -24.87
CA ASN A 69 -4.78 4.95 -25.26
C ASN A 69 -3.52 4.57 -24.47
N ALA A 70 -3.67 4.29 -23.17
CA ALA A 70 -2.52 3.92 -22.35
C ALA A 70 -1.89 2.60 -22.80
N VAL A 71 -2.70 1.66 -23.30
CA VAL A 71 -2.17 0.44 -23.88
C VAL A 71 -1.30 0.75 -25.10
N ALA A 72 -1.79 1.62 -25.99
CA ALA A 72 -1.03 1.93 -27.20
C ALA A 72 0.26 2.69 -26.90
N HIS A 73 0.33 3.43 -25.77
CA HIS A 73 1.52 4.18 -25.40
C HIS A 73 2.18 3.65 -24.13
N VAL A 74 2.24 2.32 -23.99
CA VAL A 74 2.73 1.71 -22.76
C VAL A 74 4.18 2.06 -22.48
N ASP A 75 4.94 2.46 -23.49
CA ASP A 75 6.35 2.77 -23.34
C ASP A 75 6.65 4.26 -23.31
N ASP A 76 5.65 5.13 -23.23
CA ASP A 76 5.96 6.45 -22.71
C ASP A 76 4.70 6.97 -22.02
N MET A 77 4.45 6.41 -20.85
CA MET A 77 3.30 6.79 -20.05
C MET A 77 3.39 8.24 -19.57
N PRO A 78 4.53 8.73 -19.07
CA PRO A 78 4.54 10.11 -18.54
C PRO A 78 4.18 11.17 -19.57
N ASN A 79 4.68 11.07 -20.80
CA ASN A 79 4.25 12.02 -21.83
C ASN A 79 2.79 11.82 -22.18
N ALA A 80 2.37 10.56 -22.36
CA ALA A 80 1.01 10.31 -22.85
C ALA A 80 -0.03 10.60 -21.77
N LEU A 81 0.28 10.27 -20.51
CA LEU A 81 -0.65 10.43 -19.40
C LEU A 81 -0.51 11.81 -18.71
N SER A 82 0.31 12.70 -19.28
CA SER A 82 0.61 13.98 -18.64
C SER A 82 -0.67 14.76 -18.29
N ALA A 83 -1.62 14.82 -19.21
CA ALA A 83 -2.84 15.58 -18.96
C ALA A 83 -3.69 14.95 -17.86
N LEU A 84 -3.85 13.63 -17.89
CA LEU A 84 -4.64 12.96 -16.86
C LEU A 84 -3.94 13.02 -15.50
N SER A 85 -2.62 13.12 -15.49
CA SER A 85 -1.90 13.24 -14.22
C SER A 85 -2.12 14.62 -13.61
N ASP A 86 -2.11 15.66 -14.44
CA ASP A 86 -2.41 16.99 -13.93
C ASP A 86 -3.83 17.03 -13.35
N LEU A 87 -4.79 16.37 -14.00
CA LEU A 87 -6.14 16.28 -13.46
C LEU A 87 -6.16 15.54 -12.13
N HIS A 88 -5.60 14.32 -12.08
CA HIS A 88 -5.84 13.47 -10.93
C HIS A 88 -4.91 13.77 -9.75
N ALA A 89 -3.68 14.22 -10.00
CA ALA A 89 -2.73 14.56 -8.93
C ALA A 89 -2.73 16.04 -8.55
N HIS A 90 -2.75 16.96 -9.52
CA HIS A 90 -2.72 18.38 -9.17
C HIS A 90 -4.10 18.93 -8.84
N LYS A 91 -5.09 18.71 -9.70
CA LYS A 91 -6.39 19.34 -9.45
C LYS A 91 -7.24 18.53 -8.48
N LEU A 92 -7.38 17.22 -8.70
CA LEU A 92 -8.30 16.42 -7.88
C LEU A 92 -7.66 15.86 -6.62
N ARG A 93 -6.35 15.62 -6.63
CA ARG A 93 -5.62 15.12 -5.46
C ARG A 93 -6.26 13.84 -4.91
N VAL A 94 -6.48 12.87 -5.81
CA VAL A 94 -7.12 11.60 -5.47
C VAL A 94 -6.18 10.77 -4.60
N ASP A 95 -6.72 10.24 -3.50
CA ASP A 95 -5.96 9.35 -2.64
C ASP A 95 -5.65 8.06 -3.42
N PRO A 96 -4.39 7.62 -3.45
CA PRO A 96 -4.02 6.41 -4.22
C PRO A 96 -4.85 5.17 -3.90
N VAL A 97 -5.39 5.01 -2.69
CA VAL A 97 -6.19 3.83 -2.42
C VAL A 97 -7.39 3.75 -3.37
N ASN A 98 -7.89 4.89 -3.86
CA ASN A 98 -9.04 4.82 -4.78
C ASN A 98 -8.65 4.23 -6.13
N PHE A 99 -7.40 4.42 -6.56
CA PHE A 99 -6.94 3.80 -7.80
C PHE A 99 -6.87 2.28 -7.67
N LYS A 100 -6.52 1.79 -6.48
CA LYS A 100 -6.53 0.35 -6.26
C LYS A 100 -7.95 -0.20 -6.32
N LEU A 101 -8.91 0.55 -5.78
CA LEU A 101 -10.28 0.05 -5.80
C LEU A 101 -10.81 -0.02 -7.23
N LEU A 102 -10.65 1.04 -8.01
CA LEU A 102 -11.10 1.02 -9.40
C LEU A 102 -10.37 -0.05 -10.20
N SER A 103 -9.03 -0.10 -10.09
CA SER A 103 -8.24 -1.16 -10.71
C SER A 103 -8.84 -2.54 -10.46
N HIS A 104 -9.16 -2.81 -9.19
CA HIS A 104 -9.73 -4.10 -8.81
C HIS A 104 -11.10 -4.29 -9.45
N CYS A 105 -11.89 -3.22 -9.54
CA CYS A 105 -13.20 -3.35 -10.16
C CYS A 105 -13.07 -3.53 -11.67
N LEU A 106 -12.01 -2.99 -12.28
CA LEU A 106 -11.76 -3.27 -13.69
C LEU A 106 -11.39 -4.73 -13.91
N LEU A 107 -10.54 -5.27 -13.05
CA LEU A 107 -10.20 -6.69 -13.12
C LEU A 107 -11.45 -7.54 -12.97
N VAL A 108 -12.31 -7.20 -12.01
CA VAL A 108 -13.52 -7.97 -11.80
C VAL A 108 -14.37 -7.94 -13.06
N THR A 109 -14.46 -6.76 -13.71
CA THR A 109 -15.26 -6.62 -14.92
C THR A 109 -14.72 -7.47 -16.07
N LEU A 110 -13.40 -7.45 -16.26
CA LEU A 110 -12.80 -8.24 -17.32
C LEU A 110 -12.95 -9.74 -17.07
N ALA A 111 -12.79 -10.17 -15.82
CA ALA A 111 -12.96 -11.60 -15.52
C ALA A 111 -14.39 -12.04 -15.80
N ALA A 112 -15.37 -11.17 -15.49
CA ALA A 112 -16.76 -11.54 -15.68
C ALA A 112 -17.16 -11.58 -17.14
N HIS A 113 -16.46 -10.85 -18.01
CA HIS A 113 -16.82 -10.78 -19.43
C HIS A 113 -15.88 -11.53 -20.36
N LEU A 114 -14.64 -11.73 -19.97
CA LEU A 114 -13.63 -12.35 -20.84
C LEU A 114 -12.97 -13.49 -20.09
N PRO A 115 -13.75 -14.49 -19.65
CA PRO A 115 -13.15 -15.57 -18.86
C PRO A 115 -12.00 -16.29 -19.57
N ALA A 116 -12.03 -16.46 -20.89
CA ALA A 116 -10.93 -17.13 -21.56
C ALA A 116 -9.67 -16.27 -21.61
N GLU A 117 -9.83 -14.94 -21.66
CA GLU A 117 -8.67 -14.06 -21.63
C GLU A 117 -8.03 -13.99 -20.25
N PHE A 118 -8.88 -14.03 -19.21
CA PHE A 118 -8.51 -13.84 -17.78
C PHE A 118 -7.79 -15.04 -17.14
N THR A 119 -6.60 -15.22 -17.63
CA THR A 119 -5.67 -16.28 -17.25
C THR A 119 -4.85 -15.80 -16.06
N PRO A 120 -4.26 -16.65 -15.22
CA PRO A 120 -3.44 -16.18 -14.11
C PRO A 120 -2.31 -15.23 -14.52
N ALA A 121 -1.59 -15.54 -15.60
CA ALA A 121 -0.52 -14.65 -16.09
C ALA A 121 -1.07 -13.32 -16.62
N VAL A 122 -2.18 -13.38 -17.35
CA VAL A 122 -2.79 -12.15 -17.88
C VAL A 122 -3.35 -11.31 -16.75
N HIS A 123 -4.03 -11.96 -15.80
CA HIS A 123 -4.47 -11.29 -14.59
C HIS A 123 -3.32 -10.55 -13.91
N ALA A 124 -2.15 -11.18 -13.82
CA ALA A 124 -1.00 -10.52 -13.21
C ALA A 124 -0.50 -9.34 -14.06
N SER A 125 -0.44 -9.49 -15.39
CA SER A 125 0.03 -8.37 -16.21
C SER A 125 -0.95 -7.21 -16.17
N LEU A 126 -2.26 -7.50 -16.25
CA LEU A 126 -3.27 -6.45 -16.15
C LEU A 126 -3.20 -5.73 -14.80
N ASP A 127 -3.07 -6.47 -13.70
CA ASP A 127 -2.92 -5.81 -12.41
C ASP A 127 -1.72 -4.86 -12.41
N LYS A 128 -0.61 -5.28 -13.02
CA LYS A 128 0.58 -4.45 -13.01
C LYS A 128 0.40 -3.24 -13.93
N PHE A 129 -0.22 -3.44 -15.10
CA PHE A 129 -0.54 -2.34 -16.00
C PHE A 129 -1.37 -1.28 -15.28
N LEU A 130 -2.46 -1.69 -14.63
CA LEU A 130 -3.29 -0.74 -13.91
C LEU A 130 -2.53 -0.08 -12.76
N ALA A 131 -1.68 -0.84 -12.04
CA ALA A 131 -0.90 -0.22 -10.97
C ALA A 131 0.07 0.81 -11.53
N SER A 132 0.62 0.55 -12.71
CA SER A 132 1.53 1.49 -13.37
C SER A 132 0.81 2.74 -13.88
N VAL A 133 -0.35 2.59 -14.54
CA VAL A 133 -1.13 3.77 -14.90
C VAL A 133 -1.50 4.57 -13.64
N SER A 134 -1.92 3.87 -12.58
CA SER A 134 -2.34 4.55 -11.36
C SER A 134 -1.22 5.39 -10.79
N THR A 135 0.00 4.84 -10.78
CA THR A 135 1.15 5.54 -10.22
C THR A 135 1.42 6.85 -10.96
N VAL A 136 1.37 6.81 -12.30
CA VAL A 136 1.60 8.02 -13.09
C VAL A 136 0.52 9.07 -12.82
N LEU A 137 -0.75 8.65 -12.80
CA LEU A 137 -1.84 9.60 -12.56
C LEU A 137 -1.82 10.21 -11.16
N THR A 138 -1.16 9.58 -10.19
CA THR A 138 -1.12 10.13 -8.84
C THR A 138 0.21 10.82 -8.52
N SER A 139 1.11 10.94 -9.48
CA SER A 139 2.40 11.58 -9.24
C SER A 139 2.41 12.98 -9.82
N LYS A 140 2.92 13.93 -9.05
CA LYS A 140 3.09 15.31 -9.52
C LYS A 140 4.51 15.40 -10.05
N TYR A 141 4.65 15.27 -11.37
CA TYR A 141 5.99 15.22 -11.96
C TYR A 141 6.25 16.34 -12.95
N ARG A 142 5.32 17.26 -13.12
CA ARG A 142 5.58 18.44 -13.94
C ARG A 142 6.19 19.50 -13.05
N VAL B 2 -20.26 -7.40 10.28
CA VAL B 2 -20.50 -6.90 8.88
C VAL B 2 -21.99 -6.74 8.70
N HIS B 3 -22.45 -5.69 8.02
CA HIS B 3 -23.92 -5.51 7.91
C HIS B 3 -24.48 -5.86 6.52
N LEU B 4 -24.97 -7.10 6.33
CA LEU B 4 -25.64 -7.41 5.05
C LEU B 4 -27.16 -7.26 5.24
N THR B 5 -27.84 -6.68 4.29
CA THR B 5 -29.28 -6.65 4.35
C THR B 5 -29.77 -8.09 4.19
N PRO B 6 -31.06 -8.35 4.48
CA PRO B 6 -31.56 -9.71 4.22
C PRO B 6 -31.49 -10.08 2.76
N GLU B 7 -31.58 -9.10 1.85
CA GLU B 7 -31.55 -9.37 0.43
C GLU B 7 -30.13 -9.60 -0.07
N GLU B 8 -29.14 -8.94 0.56
CA GLU B 8 -27.75 -9.25 0.28
C GLU B 8 -27.37 -10.65 0.78
N LYS B 9 -27.88 -11.04 1.94
CA LYS B 9 -27.48 -12.34 2.45
C LYS B 9 -28.06 -13.48 1.61
N SER B 10 -29.31 -13.33 1.14
CA SER B 10 -29.89 -14.34 0.26
C SER B 10 -29.08 -14.51 -1.01
N ALA B 11 -28.62 -13.39 -1.60
CA ALA B 11 -27.88 -13.47 -2.85
C ALA B 11 -26.42 -13.92 -2.62
N VAL B 12 -25.83 -13.57 -1.48
CA VAL B 12 -24.53 -14.14 -1.14
C VAL B 12 -24.65 -15.65 -0.94
N THR B 13 -25.63 -16.07 -0.14
CA THR B 13 -25.84 -17.50 0.12
C THR B 13 -26.10 -18.27 -1.17
N ALA B 14 -26.96 -17.75 -2.03
CA ALA B 14 -27.32 -18.47 -3.25
C ALA B 14 -26.09 -18.72 -4.13
N LEU B 15 -25.27 -17.68 -4.31
CA LEU B 15 -24.10 -17.84 -5.16
C LEU B 15 -23.10 -18.82 -4.54
N TRP B 16 -22.89 -18.72 -3.22
CA TRP B 16 -21.91 -19.56 -2.55
C TRP B 16 -22.27 -21.04 -2.64
N GLY B 17 -23.56 -21.36 -2.63
CA GLY B 17 -23.96 -22.75 -2.69
C GLY B 17 -23.69 -23.40 -4.02
N LYS B 18 -23.47 -22.60 -5.06
CA LYS B 18 -23.07 -23.12 -6.35
C LYS B 18 -21.54 -23.21 -6.52
N VAL B 19 -20.77 -22.70 -5.56
CA VAL B 19 -19.31 -22.65 -5.70
C VAL B 19 -18.73 -24.05 -5.72
N ASN B 20 -17.78 -24.28 -6.61
CA ASN B 20 -17.06 -25.54 -6.78
C ASN B 20 -16.00 -25.63 -5.68
N VAL B 21 -16.32 -26.35 -4.59
CA VAL B 21 -15.43 -26.34 -3.43
C VAL B 21 -14.11 -27.05 -3.68
N ASP B 22 -13.99 -27.83 -4.76
CA ASP B 22 -12.72 -28.48 -5.06
C ASP B 22 -11.75 -27.58 -5.83
N GLU B 23 -12.24 -26.52 -6.48
CA GLU B 23 -11.38 -25.73 -7.37
C GLU B 23 -11.25 -24.27 -6.98
N VAL B 24 -12.30 -23.66 -6.43
CA VAL B 24 -12.34 -22.21 -6.32
C VAL B 24 -11.27 -21.71 -5.34
N GLY B 25 -11.10 -22.40 -4.21
CA GLY B 25 -10.07 -22.00 -3.26
C GLY B 25 -8.68 -22.12 -3.85
N GLY B 26 -8.39 -23.23 -4.52
CA GLY B 26 -7.08 -23.41 -5.13
C GLY B 26 -6.77 -22.35 -6.17
N GLU B 27 -7.77 -21.99 -6.97
CA GLU B 27 -7.59 -20.93 -7.95
C GLU B 27 -7.35 -19.57 -7.28
N ALA B 28 -7.98 -19.34 -6.13
CA ALA B 28 -7.75 -18.06 -5.45
C ALA B 28 -6.36 -18.02 -4.85
N LEU B 29 -5.97 -19.07 -4.12
CA LEU B 29 -4.62 -19.10 -3.57
C LEU B 29 -3.59 -19.12 -4.68
N GLY B 30 -3.86 -19.89 -5.75
CA GLY B 30 -2.95 -19.93 -6.87
C GLY B 30 -2.74 -18.56 -7.51
N ARG B 31 -3.83 -17.82 -7.75
CA ARG B 31 -3.71 -16.49 -8.33
C ARG B 31 -2.98 -15.55 -7.38
N LEU B 32 -3.16 -15.71 -6.07
CA LEU B 32 -2.41 -14.88 -5.14
C LEU B 32 -0.92 -15.11 -5.30
N LEU B 33 -0.49 -16.38 -5.34
CA LEU B 33 0.92 -16.68 -5.48
C LEU B 33 1.49 -16.24 -6.81
N VAL B 34 0.67 -16.15 -7.85
CA VAL B 34 1.13 -15.71 -9.17
C VAL B 34 1.08 -14.19 -9.31
N VAL B 35 0.00 -13.55 -8.88
CA VAL B 35 -0.11 -12.10 -9.07
C VAL B 35 0.74 -11.35 -8.05
N TYR B 36 1.01 -11.95 -6.89
CA TYR B 36 1.77 -11.33 -5.81
C TYR B 36 2.87 -12.32 -5.41
N PRO B 37 3.94 -12.42 -6.21
CA PRO B 37 4.90 -13.53 -6.05
C PRO B 37 5.57 -13.58 -4.69
N TRP B 38 5.70 -12.45 -4.00
CA TRP B 38 6.29 -12.51 -2.68
C TRP B 38 5.52 -13.41 -1.73
N THR B 39 4.21 -13.63 -1.98
CA THR B 39 3.43 -14.48 -1.08
C THR B 39 3.90 -15.94 -1.15
N GLN B 40 4.61 -16.33 -2.22
CA GLN B 40 5.16 -17.68 -2.28
C GLN B 40 6.20 -17.94 -1.20
N ARG B 41 6.81 -16.88 -0.64
CA ARG B 41 7.76 -17.09 0.44
C ARG B 41 7.15 -17.80 1.64
N PHE B 42 5.83 -17.69 1.83
CA PHE B 42 5.20 -18.36 2.96
C PHE B 42 4.92 -19.84 2.69
N PHE B 43 5.14 -20.31 1.47
CA PHE B 43 4.75 -21.66 1.05
C PHE B 43 5.93 -22.41 0.44
N GLU B 44 7.09 -22.33 1.09
CA GLU B 44 8.29 -22.96 0.55
C GLU B 44 8.14 -24.49 0.48
N SER B 45 7.49 -25.09 1.47
CA SER B 45 7.34 -26.53 1.52
C SER B 45 6.32 -27.08 0.54
N PHE B 46 5.70 -26.23 -0.28
CA PHE B 46 4.64 -26.68 -1.18
C PHE B 46 5.17 -27.26 -2.49
N GLY B 47 6.48 -27.25 -2.70
CA GLY B 47 6.99 -27.83 -3.92
C GLY B 47 7.19 -26.84 -5.05
N ASP B 48 6.86 -27.25 -6.27
CA ASP B 48 7.10 -26.45 -7.47
C ASP B 48 6.12 -25.28 -7.52
N LEU B 49 6.61 -24.07 -7.29
CA LEU B 49 5.84 -22.83 -7.52
C LEU B 49 6.47 -21.98 -8.62
N SER B 50 7.18 -22.62 -9.56
CA SER B 50 8.17 -21.88 -10.36
C SER B 50 7.58 -21.14 -11.55
N THR B 51 6.45 -21.59 -12.06
CA THR B 51 5.74 -20.94 -13.16
C THR B 51 4.28 -20.84 -12.80
N PRO B 52 3.51 -19.98 -13.49
CA PRO B 52 2.04 -20.00 -13.29
C PRO B 52 1.44 -21.40 -13.37
N ASP B 53 1.70 -22.14 -14.46
CA ASP B 53 1.09 -23.45 -14.65
C ASP B 53 1.43 -24.41 -13.51
N ALA B 54 2.68 -24.40 -13.05
CA ALA B 54 3.06 -25.23 -11.90
C ALA B 54 2.29 -24.84 -10.64
N VAL B 55 2.10 -23.54 -10.41
CA VAL B 55 1.40 -23.08 -9.20
C VAL B 55 -0.04 -23.57 -9.21
N MET B 56 -0.74 -23.37 -10.31
CA MET B 56 -2.17 -23.65 -10.34
C MET B 56 -2.46 -25.15 -10.34
N GLY B 57 -1.59 -25.95 -10.97
CA GLY B 57 -1.75 -27.39 -10.98
C GLY B 57 -1.24 -28.09 -9.74
N ASN B 58 -0.45 -27.40 -8.91
CA ASN B 58 0.12 -27.97 -7.71
C ASN B 58 -0.96 -28.57 -6.81
N PRO B 59 -0.86 -29.86 -6.47
CA PRO B 59 -1.88 -30.46 -5.58
C PRO B 59 -1.83 -29.93 -4.16
N LYS B 60 -0.67 -29.51 -3.67
CA LYS B 60 -0.62 -28.88 -2.35
C LYS B 60 -1.29 -27.50 -2.36
N VAL B 61 -1.17 -26.76 -3.47
CA VAL B 61 -1.91 -25.51 -3.59
C VAL B 61 -3.42 -25.79 -3.63
N LYS B 62 -3.84 -26.78 -4.42
CA LYS B 62 -5.27 -27.11 -4.49
C LYS B 62 -5.80 -27.56 -3.15
N ALA B 63 -5.03 -28.37 -2.43
CA ALA B 63 -5.46 -28.85 -1.11
C ALA B 63 -5.49 -27.69 -0.11
N HIS B 64 -4.49 -26.83 -0.10
CA HIS B 64 -4.50 -25.68 0.85
C HIS B 64 -5.63 -24.69 0.53
N GLY B 65 -5.84 -24.38 -0.75
CA GLY B 65 -6.92 -23.50 -1.18
C GLY B 65 -8.28 -24.01 -0.74
N LYS B 66 -8.45 -25.33 -0.69
CA LYS B 66 -9.72 -25.88 -0.24
C LYS B 66 -9.97 -25.55 1.22
N LYS B 67 -8.92 -25.57 2.05
CA LYS B 67 -9.05 -25.18 3.45
C LYS B 67 -9.28 -23.67 3.60
N VAL B 68 -8.71 -22.85 2.70
CA VAL B 68 -9.01 -21.42 2.70
C VAL B 68 -10.48 -21.20 2.43
N LEU B 69 -11.01 -21.89 1.42
CA LEU B 69 -12.42 -21.76 1.07
C LEU B 69 -13.33 -22.17 2.23
N GLY B 70 -12.95 -23.21 2.98
CA GLY B 70 -13.73 -23.64 4.12
C GLY B 70 -13.71 -22.67 5.28
N ALA B 71 -12.66 -21.87 5.43
CA ALA B 71 -12.69 -20.82 6.44
C ALA B 71 -13.67 -19.71 6.04
N PHE B 72 -13.68 -19.34 4.75
CA PHE B 72 -14.66 -18.36 4.25
C PHE B 72 -16.09 -18.90 4.41
N SER B 73 -16.31 -20.19 4.10
CA SER B 73 -17.60 -20.81 4.41
C SER B 73 -17.95 -20.66 5.88
N ASP B 74 -16.95 -20.82 6.76
CA ASP B 74 -17.30 -20.70 8.16
C ASP B 74 -17.57 -19.25 8.54
N GLY B 75 -16.89 -18.26 7.95
CA GLY B 75 -17.20 -16.88 8.22
C GLY B 75 -18.57 -16.47 7.72
N LEU B 76 -19.01 -17.05 6.60
CA LEU B 76 -20.36 -16.79 6.10
C LEU B 76 -21.41 -17.26 7.08
N ALA B 77 -21.14 -18.38 7.77
CA ALA B 77 -22.09 -18.95 8.70
C ALA B 77 -22.13 -18.22 10.04
N HIS B 78 -21.23 -17.27 10.26
CA HIS B 78 -21.09 -16.61 11.56
C HIS B 78 -20.72 -15.15 11.37
N LEU B 79 -21.44 -14.47 10.51
CA LEU B 79 -21.20 -13.05 10.14
C LEU B 79 -21.30 -12.18 11.35
N ASP B 80 -22.13 -12.62 12.27
CA ASP B 80 -22.34 -11.95 13.56
C ASP B 80 -21.12 -12.07 14.48
N ASN B 81 -20.28 -13.07 14.29
CA ASN B 81 -19.11 -13.13 15.20
C ASN B 81 -17.85 -13.56 14.45
N LEU B 82 -17.38 -12.75 13.56
CA LEU B 82 -16.22 -13.10 12.77
C LEU B 82 -14.95 -13.13 13.61
N LYS B 83 -14.91 -12.33 14.69
CA LYS B 83 -13.70 -12.26 15.49
C LYS B 83 -13.48 -13.54 16.28
N GLY B 84 -14.54 -14.06 16.92
CA GLY B 84 -14.40 -15.33 17.62
C GLY B 84 -14.21 -16.50 16.68
N THR B 85 -14.85 -16.43 15.49
CA THR B 85 -14.73 -17.50 14.51
C THR B 85 -13.29 -17.68 14.02
N PHE B 86 -12.53 -16.59 13.87
CA PHE B 86 -11.18 -16.67 13.31
C PHE B 86 -10.08 -16.42 14.35
N ALA B 87 -10.38 -16.54 15.66
CA ALA B 87 -9.42 -16.17 16.69
C ALA B 87 -8.10 -16.93 16.57
N THR B 88 -8.17 -18.24 16.30
CA THR B 88 -6.94 -19.03 16.24
C THR B 88 -6.24 -18.91 14.90
N LEU B 89 -6.99 -18.76 13.80
CA LEU B 89 -6.35 -18.46 12.52
C LEU B 89 -5.61 -17.13 12.60
N SER B 90 -6.14 -16.16 13.34
CA SER B 90 -5.45 -14.88 13.53
C SER B 90 -4.16 -15.05 14.33
N GLU B 91 -4.21 -15.83 15.43
CA GLU B 91 -2.99 -16.17 16.13
C GLU B 91 -1.97 -16.80 15.20
N LEU B 92 -2.40 -17.78 14.39
CA LEU B 92 -1.50 -18.42 13.44
C LEU B 92 -0.94 -17.41 12.45
N HIS B 93 -1.83 -16.66 11.79
CA HIS B 93 -1.36 -15.77 10.74
C HIS B 93 -0.64 -14.54 11.30
N CYS B 94 -1.04 -14.04 12.47
CA CYS B 94 -0.39 -12.85 13.01
C CYS B 94 0.82 -13.18 13.91
N ASP B 95 0.59 -13.90 14.99
CA ASP B 95 1.65 -14.24 15.96
C ASP B 95 2.69 -15.21 15.39
N LYS B 96 2.24 -16.29 14.76
CA LYS B 96 3.24 -17.27 14.29
C LYS B 96 3.78 -16.93 12.91
N LEU B 97 2.95 -16.66 11.90
CA LEU B 97 3.49 -16.46 10.52
C LEU B 97 3.94 -15.04 10.18
N HIS B 98 3.47 -14.03 10.89
CA HIS B 98 3.84 -12.62 10.66
C HIS B 98 3.44 -12.17 9.25
N VAL B 99 2.33 -12.71 8.73
CA VAL B 99 1.79 -12.22 7.47
C VAL B 99 1.37 -10.77 7.62
N ASP B 100 1.79 -9.94 6.67
CA ASP B 100 1.39 -8.54 6.70
C ASP B 100 -0.07 -8.40 6.30
N PRO B 101 -0.87 -7.63 7.06
CA PRO B 101 -2.33 -7.62 6.84
C PRO B 101 -2.76 -7.18 5.45
N GLU B 102 -1.96 -6.39 4.74
CA GLU B 102 -2.32 -6.04 3.37
C GLU B 102 -2.50 -7.29 2.50
N ASN B 103 -1.76 -8.36 2.80
CA ASN B 103 -1.91 -9.61 2.04
C ASN B 103 -3.29 -10.23 2.26
N PHE B 104 -3.85 -10.13 3.47
CA PHE B 104 -5.22 -10.61 3.73
C PHE B 104 -6.24 -9.95 2.80
N ARG B 105 -6.09 -8.64 2.56
CA ARG B 105 -7.01 -7.94 1.67
C ARG B 105 -6.79 -8.37 0.24
N LEU B 106 -5.53 -8.60 -0.15
CA LEU B 106 -5.27 -9.05 -1.51
C LEU B 106 -5.95 -10.40 -1.78
N LEU B 107 -5.80 -11.37 -0.85
CA LEU B 107 -6.48 -12.66 -1.04
C LEU B 107 -7.99 -12.48 -1.11
N GLY B 108 -8.56 -11.67 -0.22
CA GLY B 108 -9.99 -11.41 -0.28
C GLY B 108 -10.41 -10.91 -1.65
N ASN B 109 -9.68 -9.95 -2.21
CA ASN B 109 -10.04 -9.46 -3.53
C ASN B 109 -9.69 -10.45 -4.63
N VAL B 110 -8.64 -11.26 -4.49
CA VAL B 110 -8.39 -12.31 -5.48
C VAL B 110 -9.57 -13.28 -5.50
N LEU B 111 -10.05 -13.67 -4.33
CA LEU B 111 -11.24 -14.51 -4.28
C LEU B 111 -12.41 -13.86 -5.04
N VAL B 112 -12.65 -12.57 -4.82
CA VAL B 112 -13.72 -11.89 -5.57
C VAL B 112 -13.51 -12.06 -7.07
N CYS B 113 -12.29 -11.84 -7.56
CA CYS B 113 -12.02 -11.99 -8.99
C CYS B 113 -12.33 -13.40 -9.48
N VAL B 114 -12.07 -14.40 -8.64
CA VAL B 114 -12.33 -15.79 -9.05
C VAL B 114 -13.83 -16.03 -9.14
N LEU B 115 -14.58 -15.59 -8.12
CA LEU B 115 -16.04 -15.66 -8.19
C LEU B 115 -16.54 -15.03 -9.48
N ALA B 116 -16.01 -13.85 -9.84
CA ALA B 116 -16.45 -13.20 -11.08
C ALA B 116 -16.05 -14.02 -12.29
N HIS B 117 -14.83 -14.59 -12.29
CA HIS B 117 -14.38 -15.44 -13.37
C HIS B 117 -15.31 -16.63 -13.57
N HIS B 118 -15.70 -17.29 -12.46
CA HIS B 118 -16.55 -18.47 -12.54
C HIS B 118 -17.99 -18.14 -12.93
N PHE B 119 -18.59 -17.10 -12.36
CA PHE B 119 -20.02 -16.90 -12.49
C PHE B 119 -20.42 -15.89 -13.54
N GLY B 120 -19.46 -15.19 -14.15
CA GLY B 120 -19.79 -14.32 -15.26
C GLY B 120 -20.78 -13.24 -14.86
N LYS B 121 -21.81 -13.07 -15.69
CA LYS B 121 -22.75 -11.97 -15.47
C LYS B 121 -23.65 -12.20 -14.26
N GLU B 122 -23.74 -13.42 -13.75
CA GLU B 122 -24.43 -13.65 -12.49
C GLU B 122 -23.71 -12.99 -11.31
N PHE B 123 -22.45 -12.56 -11.49
CA PHE B 123 -21.72 -11.84 -10.45
C PHE B 123 -21.93 -10.32 -10.64
N THR B 124 -23.18 -9.90 -10.39
CA THR B 124 -23.60 -8.51 -10.58
C THR B 124 -22.85 -7.55 -9.64
N PRO B 125 -22.87 -6.26 -9.94
CA PRO B 125 -22.25 -5.28 -9.03
C PRO B 125 -22.84 -5.32 -7.63
N PRO B 126 -24.18 -5.39 -7.45
CA PRO B 126 -24.68 -5.49 -6.06
C PRO B 126 -24.30 -6.79 -5.39
N VAL B 127 -24.14 -7.86 -6.16
CA VAL B 127 -23.61 -9.09 -5.61
C VAL B 127 -22.15 -8.91 -5.21
N GLN B 128 -21.37 -8.24 -6.07
CA GLN B 128 -20.00 -7.90 -5.69
C GLN B 128 -19.98 -7.06 -4.42
N ALA B 129 -20.87 -6.06 -4.34
CA ALA B 129 -20.89 -5.17 -3.18
C ALA B 129 -21.12 -5.95 -1.89
N ALA B 130 -21.99 -6.96 -1.94
CA ALA B 130 -22.21 -7.79 -0.76
C ALA B 130 -20.99 -8.66 -0.45
N TYR B 131 -20.33 -9.14 -1.49
CA TYR B 131 -19.14 -9.97 -1.27
C TYR B 131 -17.97 -9.14 -0.75
N GLN B 132 -17.89 -7.85 -1.11
CA GLN B 132 -16.77 -7.07 -0.61
C GLN B 132 -16.88 -6.85 0.89
N LYS B 133 -18.09 -6.71 1.41
CA LYS B 133 -18.25 -6.58 2.86
C LYS B 133 -17.79 -7.85 3.56
N VAL B 134 -18.05 -9.02 2.96
CA VAL B 134 -17.68 -10.28 3.60
C VAL B 134 -16.17 -10.41 3.69
N VAL B 135 -15.47 -10.21 2.57
CA VAL B 135 -14.03 -10.43 2.56
C VAL B 135 -13.32 -9.36 3.37
N ALA B 136 -13.83 -8.13 3.37
CA ALA B 136 -13.29 -7.14 4.27
C ALA B 136 -13.53 -7.57 5.72
N GLY B 137 -14.70 -8.13 5.99
CA GLY B 137 -14.95 -8.67 7.31
C GLY B 137 -13.99 -9.79 7.66
N VAL B 138 -13.88 -10.79 6.77
CA VAL B 138 -12.94 -11.89 7.01
C VAL B 138 -11.53 -11.34 7.25
N ALA B 139 -11.10 -10.44 6.36
CA ALA B 139 -9.73 -9.92 6.45
C ALA B 139 -9.50 -9.15 7.73
N ASN B 140 -10.53 -8.46 8.24
CA ASN B 140 -10.35 -7.72 9.49
C ASN B 140 -10.23 -8.65 10.68
N ALA B 141 -11.02 -9.72 10.70
CA ALA B 141 -10.96 -10.68 11.81
C ALA B 141 -9.63 -11.41 11.85
N LEU B 142 -8.99 -11.62 10.70
CA LEU B 142 -7.71 -12.32 10.68
C LEU B 142 -6.57 -11.45 11.19
N ALA B 143 -6.72 -10.13 11.10
CA ALA B 143 -5.72 -9.17 11.56
C ALA B 143 -5.92 -8.74 13.01
N HIS B 144 -6.89 -9.34 13.72
CA HIS B 144 -7.24 -8.88 15.05
C HIS B 144 -6.14 -9.11 16.08
N LYS B 145 -5.36 -10.20 15.96
CA LYS B 145 -4.27 -10.42 16.92
C LYS B 145 -3.21 -9.34 16.84
N TYR B 146 -3.15 -8.57 15.75
CA TYR B 146 -2.37 -7.34 15.75
C TYR B 146 -3.09 -6.20 16.47
N HIS B 147 -4.43 -6.20 16.49
CA HIS B 147 -5.19 -5.09 17.07
C HIS B 147 -4.96 -4.96 18.58
N VAL C 2 7.00 8.77 -10.58
CA VAL C 2 7.54 9.56 -11.68
C VAL C 2 8.14 10.83 -11.11
N LEU C 3 9.42 11.07 -11.39
CA LEU C 3 10.13 12.19 -10.78
C LEU C 3 10.04 13.43 -11.66
N SER C 4 9.80 14.57 -11.03
CA SER C 4 9.88 15.85 -11.70
C SER C 4 11.34 16.25 -11.86
N PRO C 5 11.63 17.27 -12.69
CA PRO C 5 13.02 17.75 -12.80
C PRO C 5 13.60 18.21 -11.47
N ALA C 6 12.76 18.83 -10.65
CA ALA C 6 13.21 19.29 -9.35
C ALA C 6 13.49 18.13 -8.41
N ASP C 7 12.68 17.06 -8.46
CA ASP C 7 12.97 15.87 -7.66
C ASP C 7 14.36 15.35 -7.97
N LYS C 8 14.68 15.20 -9.26
CA LYS C 8 16.02 14.77 -9.64
C LYS C 8 17.07 15.74 -9.12
N THR C 9 16.77 17.04 -9.15
CA THR C 9 17.71 18.05 -8.65
C THR C 9 17.93 17.87 -7.16
N ASN C 10 16.85 17.67 -6.42
CA ASN C 10 16.94 17.51 -4.97
C ASN C 10 17.66 16.24 -4.59
N VAL C 11 17.35 15.14 -5.28
CA VAL C 11 17.98 13.87 -4.94
C VAL C 11 19.47 13.93 -5.20
N LYS C 12 19.86 14.40 -6.40
CA LYS C 12 21.28 14.50 -6.72
C LYS C 12 22.04 15.35 -5.71
N ALA C 13 21.43 16.46 -5.25
CA ALA C 13 22.16 17.37 -4.39
C ALA C 13 22.27 16.82 -2.97
N ALA C 14 21.23 16.16 -2.48
CA ALA C 14 21.26 15.63 -1.13
C ALA C 14 22.15 14.40 -1.00
N TRP C 15 22.02 13.44 -1.94
CA TRP C 15 22.82 12.23 -1.88
C TRP C 15 24.30 12.52 -2.12
N GLY C 16 24.62 13.50 -2.96
CA GLY C 16 25.99 13.96 -3.08
C GLY C 16 26.59 14.43 -1.77
N LYS C 17 25.75 14.94 -0.84
CA LYS C 17 26.23 15.31 0.48
C LYS C 17 26.49 14.12 1.39
N VAL C 18 26.01 12.93 1.03
CA VAL C 18 26.38 11.71 1.75
C VAL C 18 27.86 11.42 1.59
N GLY C 19 28.32 11.29 0.33
CA GLY C 19 29.73 11.20 0.05
C GLY C 19 30.37 9.97 0.66
N ALA C 20 31.43 10.20 1.44
CA ALA C 20 32.18 9.09 2.02
C ALA C 20 31.39 8.35 3.09
N HIS C 21 30.27 8.95 3.53
CA HIS C 21 29.40 8.37 4.60
C HIS C 21 28.34 7.43 4.01
N ALA C 22 28.58 6.88 2.80
CA ALA C 22 27.59 6.00 2.15
C ALA C 22 27.36 4.72 2.98
N GLY C 23 28.42 3.93 3.17
CA GLY C 23 28.37 2.66 3.87
C GLY C 23 28.01 2.80 5.31
N GLU C 24 28.45 3.87 5.95
CA GLU C 24 28.04 4.22 7.31
C GLU C 24 26.53 4.46 7.38
N TYR C 25 26.01 5.29 6.51
CA TYR C 25 24.57 5.53 6.52
C TYR C 25 23.81 4.30 6.04
N GLY C 26 24.34 3.60 5.03
CA GLY C 26 23.73 2.36 4.57
C GLY C 26 23.66 1.32 5.68
N ALA C 27 24.77 1.14 6.41
CA ALA C 27 24.75 0.20 7.51
C ALA C 27 23.78 0.65 8.61
N GLU C 28 23.73 1.96 8.88
CA GLU C 28 22.86 2.46 9.95
C GLU C 28 21.39 2.25 9.62
N ALA C 29 21.02 2.44 8.34
CA ALA C 29 19.63 2.23 7.91
C ALA C 29 19.24 0.76 8.19
N LEU C 30 20.05 -0.17 7.67
CA LEU C 30 19.80 -1.63 7.84
C LEU C 30 19.59 -1.98 9.32
N GLU C 31 20.45 -1.45 10.20
CA GLU C 31 20.37 -1.74 11.64
C GLU C 31 19.10 -1.13 12.22
N ARG C 32 18.73 0.08 11.83
CA ARG C 32 17.42 0.58 12.22
C ARG C 32 16.31 -0.37 11.76
N MET C 33 16.35 -0.78 10.48
CA MET C 33 15.28 -1.61 9.95
C MET C 33 15.18 -2.94 10.71
N PHE C 34 16.31 -3.63 10.88
CA PHE C 34 16.32 -4.92 11.57
C PHE C 34 15.78 -4.80 12.99
N LEU C 35 16.04 -3.67 13.64
CA LEU C 35 15.68 -3.47 15.04
C LEU C 35 14.25 -2.93 15.18
N SER C 36 13.85 -1.97 14.34
CA SER C 36 12.47 -1.47 14.40
C SER C 36 11.47 -2.50 13.92
N PHE C 37 11.86 -3.34 12.95
CA PHE C 37 10.94 -4.24 12.26
C PHE C 37 11.59 -5.62 12.18
N PRO C 38 11.59 -6.38 13.28
CA PRO C 38 12.43 -7.59 13.37
C PRO C 38 12.09 -8.65 12.35
N THR C 39 10.87 -8.66 11.80
CA THR C 39 10.54 -9.66 10.80
C THR C 39 11.45 -9.56 9.58
N THR C 40 11.99 -8.35 9.32
CA THR C 40 12.88 -8.18 8.18
C THR C 40 14.14 -9.04 8.29
N LYS C 41 14.51 -9.46 9.50
CA LYS C 41 15.70 -10.29 9.66
C LYS C 41 15.57 -11.63 8.93
N THR C 42 14.35 -12.10 8.68
CA THR C 42 14.23 -13.42 8.08
C THR C 42 14.56 -13.42 6.59
N TYR C 43 14.79 -12.26 5.99
CA TYR C 43 15.33 -12.28 4.64
C TYR C 43 16.84 -12.51 4.64
N PHE C 44 17.48 -12.43 5.80
CA PHE C 44 18.92 -12.63 5.94
C PHE C 44 19.22 -13.75 6.93
N PRO C 45 18.69 -14.97 6.71
CA PRO C 45 18.78 -15.99 7.76
C PRO C 45 20.20 -16.45 8.04
N HIS C 46 21.11 -16.36 7.07
CA HIS C 46 22.47 -16.83 7.27
C HIS C 46 23.43 -15.68 7.57
N PHE C 47 22.91 -14.48 7.87
CA PHE C 47 23.73 -13.32 8.14
C PHE C 47 24.09 -13.24 9.61
N ASP C 48 25.23 -12.61 9.89
CA ASP C 48 25.57 -12.15 11.24
C ASP C 48 24.97 -10.76 11.36
N LEU C 49 23.82 -10.67 12.05
CA LEU C 49 23.08 -9.42 12.21
C LEU C 49 23.27 -8.80 13.59
N SER C 50 24.31 -9.19 14.32
CA SER C 50 24.56 -8.59 15.62
C SER C 50 25.01 -7.14 15.43
N HIS C 51 24.75 -6.32 16.45
CA HIS C 51 25.06 -4.91 16.36
C HIS C 51 26.54 -4.69 16.03
N GLY C 52 26.81 -3.88 15.01
CA GLY C 52 28.17 -3.54 14.67
C GLY C 52 28.91 -4.58 13.87
N SER C 53 28.23 -5.67 13.49
CA SER C 53 28.87 -6.76 12.75
C SER C 53 29.45 -6.25 11.43
N ALA C 54 30.65 -6.77 11.10
CA ALA C 54 31.33 -6.34 9.90
C ALA C 54 30.54 -6.72 8.64
N GLN C 55 29.76 -7.80 8.71
CA GLN C 55 28.98 -8.20 7.55
C GLN C 55 27.91 -7.16 7.21
N VAL C 56 27.27 -6.57 8.23
CA VAL C 56 26.21 -5.59 7.99
C VAL C 56 26.80 -4.26 7.49
N LYS C 57 27.95 -3.87 8.04
CA LYS C 57 28.72 -2.79 7.45
C LYS C 57 28.98 -3.03 5.98
N GLY C 58 29.61 -4.16 5.65
CA GLY C 58 29.87 -4.46 4.25
C GLY C 58 28.62 -4.47 3.42
N HIS C 59 27.50 -4.93 4.01
CA HIS C 59 26.26 -4.95 3.24
C HIS C 59 25.64 -3.56 3.13
N GLY C 60 25.67 -2.77 4.20
CA GLY C 60 25.18 -1.39 4.10
C GLY C 60 25.90 -0.58 3.03
N LYS C 61 27.20 -0.85 2.84
CA LYS C 61 27.95 -0.14 1.82
C LYS C 61 27.51 -0.57 0.43
N LYS C 62 27.15 -1.84 0.25
CA LYS C 62 26.60 -2.27 -1.04
C LYS C 62 25.29 -1.55 -1.34
N VAL C 63 24.39 -1.47 -0.36
CA VAL C 63 23.13 -0.74 -0.54
C VAL C 63 23.40 0.68 -1.02
N ALA C 64 24.21 1.42 -0.26
CA ALA C 64 24.41 2.83 -0.57
C ALA C 64 25.05 3.03 -1.93
N ASP C 65 26.00 2.16 -2.27
CA ASP C 65 26.68 2.26 -3.57
C ASP C 65 25.69 2.02 -4.71
N ALA C 66 24.77 1.06 -4.54
CA ALA C 66 23.70 0.86 -5.52
C ALA C 66 22.77 2.05 -5.62
N LEU C 67 22.45 2.67 -4.47
CA LEU C 67 21.70 3.92 -4.49
C LEU C 67 22.46 5.03 -5.21
N THR C 68 23.77 5.14 -4.96
CA THR C 68 24.58 6.09 -5.70
C THR C 68 24.45 5.86 -7.21
N ASN C 69 24.56 4.63 -7.62
CA ASN C 69 24.38 4.20 -8.99
C ASN C 69 22.98 4.58 -9.49
N ALA C 70 21.97 4.39 -8.70
CA ALA C 70 20.60 4.74 -9.09
C ALA C 70 20.43 6.25 -9.23
N VAL C 71 21.06 7.05 -8.37
CA VAL C 71 21.00 8.50 -8.51
C VAL C 71 21.59 8.92 -9.86
N ALA C 72 22.72 8.34 -10.25
CA ALA C 72 23.34 8.74 -11.51
C ALA C 72 22.55 8.26 -12.71
N HIS C 73 21.80 7.15 -12.59
CA HIS C 73 21.03 6.59 -13.69
C HIS C 73 19.54 6.75 -13.44
N VAL C 74 19.16 7.92 -12.92
CA VAL C 74 17.78 8.14 -12.54
C VAL C 74 16.85 8.11 -13.75
N ASP C 75 17.36 8.36 -14.95
CA ASP C 75 16.55 8.33 -16.15
C ASP C 75 16.70 7.01 -16.92
N ASP C 76 17.32 6.02 -16.31
CA ASP C 76 17.60 4.74 -16.94
C ASP C 76 17.42 3.62 -15.91
N MET C 77 16.47 3.78 -15.04
CA MET C 77 16.34 2.87 -13.90
C MET C 77 16.19 1.40 -14.28
N PRO C 78 15.21 1.00 -15.12
CA PRO C 78 15.00 -0.44 -15.32
C PRO C 78 16.22 -1.15 -15.88
N ASN C 79 16.96 -0.50 -16.78
CA ASN C 79 18.17 -1.10 -17.32
C ASN C 79 19.29 -1.12 -16.28
N ALA C 80 19.54 0.01 -15.63
CA ALA C 80 20.61 0.11 -14.66
C ALA C 80 20.39 -0.80 -13.45
N LEU C 81 19.14 -1.08 -13.10
CA LEU C 81 18.81 -1.86 -11.91
C LEU C 81 18.32 -3.27 -12.22
N SER C 82 18.44 -3.71 -13.48
CA SER C 82 17.92 -5.00 -13.90
C SER C 82 18.48 -6.16 -13.08
N ALA C 83 19.77 -6.12 -12.75
CA ALA C 83 20.33 -7.21 -11.96
C ALA C 83 19.81 -7.20 -10.52
N LEU C 84 19.67 -6.02 -9.92
CA LEU C 84 19.10 -5.97 -8.57
C LEU C 84 17.65 -6.42 -8.53
N SER C 85 16.93 -6.30 -9.65
CA SER C 85 15.53 -6.76 -9.72
C SER C 85 15.46 -8.28 -9.89
N ASP C 86 16.36 -8.86 -10.70
CA ASP C 86 16.57 -10.30 -10.69
C ASP C 86 16.68 -10.83 -9.26
N LEU C 87 17.58 -10.25 -8.46
CA LEU C 87 17.80 -10.68 -7.09
C LEU C 87 16.54 -10.50 -6.24
N HIS C 88 16.05 -9.27 -6.10
CA HIS C 88 14.98 -9.02 -5.12
C HIS C 88 13.62 -9.53 -5.59
N ALA C 89 13.32 -9.45 -6.89
CA ALA C 89 11.98 -9.79 -7.39
C ALA C 89 11.85 -11.25 -7.85
N HIS C 90 12.88 -11.77 -8.53
CA HIS C 90 12.82 -13.15 -9.06
C HIS C 90 13.32 -14.19 -8.03
N LYS C 91 14.45 -13.92 -7.38
CA LYS C 91 15.04 -14.85 -6.43
C LYS C 91 14.52 -14.69 -5.02
N LEU C 92 14.58 -13.48 -4.45
CA LEU C 92 14.18 -13.26 -3.02
C LEU C 92 12.68 -12.95 -2.87
N ARG C 93 11.96 -12.69 -3.97
CA ARG C 93 10.54 -12.36 -3.90
C ARG C 93 10.21 -11.55 -2.63
N VAL C 94 10.85 -10.38 -2.52
CA VAL C 94 10.71 -9.52 -1.34
C VAL C 94 9.33 -8.86 -1.36
N ASP C 95 8.60 -8.95 -0.25
CA ASP C 95 7.31 -8.27 -0.12
C ASP C 95 7.52 -6.75 -0.16
N PRO C 96 6.76 -6.02 -1.00
CA PRO C 96 6.97 -4.56 -1.13
C PRO C 96 6.83 -3.78 0.16
N VAL C 97 6.10 -4.27 1.17
CA VAL C 97 6.03 -3.47 2.38
C VAL C 97 7.41 -3.37 3.04
N ASN C 98 8.28 -4.36 2.81
CA ASN C 98 9.61 -4.29 3.40
C ASN C 98 10.43 -3.17 2.77
N PHE C 99 10.20 -2.87 1.48
CA PHE C 99 10.86 -1.74 0.84
C PHE C 99 10.42 -0.40 1.45
N LYS C 100 9.13 -0.27 1.81
CA LYS C 100 8.73 0.95 2.52
C LYS C 100 9.48 1.07 3.84
N LEU C 101 9.68 -0.05 4.53
CA LEU C 101 10.37 -0.01 5.82
C LEU C 101 11.83 0.42 5.65
N LEU C 102 12.56 -0.20 4.73
CA LEU C 102 13.94 0.22 4.50
C LEU C 102 14.01 1.66 4.02
N SER C 103 13.12 2.05 3.08
CA SER C 103 13.09 3.44 2.61
C SER C 103 12.86 4.41 3.77
N HIS C 104 11.92 4.07 4.67
CA HIS C 104 11.69 4.94 5.82
C HIS C 104 12.94 5.04 6.68
N CYS C 105 13.61 3.90 6.93
CA CYS C 105 14.81 3.89 7.76
C CYS C 105 15.95 4.69 7.13
N LEU C 106 16.04 4.68 5.80
CA LEU C 106 16.99 5.56 5.13
C LEU C 106 16.66 7.02 5.36
N LEU C 107 15.37 7.38 5.27
CA LEU C 107 14.99 8.77 5.50
C LEU C 107 15.36 9.20 6.91
N VAL C 108 15.08 8.32 7.88
CA VAL C 108 15.43 8.60 9.27
C VAL C 108 16.94 8.82 9.39
N THR C 109 17.74 7.96 8.78
CA THR C 109 19.18 8.11 8.83
C THR C 109 19.60 9.43 8.21
N LEU C 110 19.07 9.75 7.03
CA LEU C 110 19.41 11.03 6.40
C LEU C 110 19.01 12.20 7.27
N ALA C 111 17.86 12.13 7.93
CA ALA C 111 17.44 13.25 8.77
C ALA C 111 18.29 13.35 10.02
N ALA C 112 18.80 12.22 10.51
CA ALA C 112 19.61 12.25 11.72
C ALA C 112 20.99 12.83 11.45
N HIS C 113 21.50 12.72 10.21
CA HIS C 113 22.86 13.12 9.89
C HIS C 113 22.99 14.40 9.07
N LEU C 114 21.94 14.81 8.36
CA LEU C 114 22.00 15.98 7.48
C LEU C 114 20.77 16.86 7.72
N PRO C 115 20.68 17.45 8.90
CA PRO C 115 19.48 18.23 9.24
C PRO C 115 19.28 19.47 8.37
N ALA C 116 20.36 20.08 7.86
CA ALA C 116 20.19 21.30 7.06
C ALA C 116 19.64 20.99 5.68
N GLU C 117 20.02 19.86 5.12
CA GLU C 117 19.59 19.52 3.78
C GLU C 117 18.25 18.77 3.75
N PHE C 118 17.77 18.25 4.89
CA PHE C 118 16.52 17.49 4.93
C PHE C 118 15.33 18.44 5.06
N THR C 119 15.11 19.25 4.01
CA THR C 119 13.99 20.17 3.98
C THR C 119 12.71 19.44 3.58
N PRO C 120 11.55 20.07 3.78
CA PRO C 120 10.31 19.43 3.28
C PRO C 120 10.38 19.02 1.83
N ALA C 121 10.76 19.93 0.92
CA ALA C 121 10.80 19.60 -0.50
C ALA C 121 11.75 18.44 -0.80
N VAL C 122 12.93 18.44 -0.16
CA VAL C 122 13.93 17.39 -0.41
C VAL C 122 13.50 16.05 0.19
N HIS C 123 12.90 16.09 1.40
CA HIS C 123 12.24 14.94 2.00
C HIS C 123 11.25 14.30 1.02
N ALA C 124 10.42 15.13 0.41
CA ALA C 124 9.39 14.62 -0.49
C ALA C 124 10.01 13.99 -1.74
N SER C 125 11.08 14.59 -2.27
CA SER C 125 11.76 14.05 -3.45
C SER C 125 12.48 12.73 -3.13
N LEU C 126 13.14 12.65 -1.98
CA LEU C 126 13.83 11.41 -1.61
C LEU C 126 12.85 10.27 -1.43
N ASP C 127 11.72 10.54 -0.79
CA ASP C 127 10.69 9.52 -0.63
C ASP C 127 10.24 8.95 -1.98
N LYS C 128 9.93 9.83 -2.92
CA LYS C 128 9.51 9.36 -4.23
C LYS C 128 10.64 8.64 -4.94
N PHE C 129 11.87 9.12 -4.79
CA PHE C 129 12.98 8.45 -5.43
C PHE C 129 13.11 7.02 -4.90
N LEU C 130 13.08 6.84 -3.58
CA LEU C 130 13.20 5.50 -3.03
C LEU C 130 11.99 4.65 -3.38
N ALA C 131 10.79 5.25 -3.42
CA ALA C 131 9.62 4.49 -3.86
C ALA C 131 9.78 4.06 -5.31
N SER C 132 10.40 4.90 -6.13
CA SER C 132 10.62 4.56 -7.52
C SER C 132 11.66 3.44 -7.66
N VAL C 133 12.73 3.50 -6.86
CA VAL C 133 13.72 2.42 -6.85
C VAL C 133 13.10 1.14 -6.33
N SER C 134 12.21 1.26 -5.34
CA SER C 134 11.56 0.09 -4.76
C SER C 134 10.66 -0.60 -5.78
N THR C 135 9.87 0.18 -6.52
CA THR C 135 9.02 -0.41 -7.54
C THR C 135 9.83 -1.22 -8.53
N VAL C 136 10.98 -0.68 -8.96
CA VAL C 136 11.79 -1.37 -9.96
C VAL C 136 12.36 -2.68 -9.39
N LEU C 137 12.80 -2.67 -8.12
CA LEU C 137 13.44 -3.85 -7.55
C LEU C 137 12.45 -4.96 -7.24
N THR C 138 11.16 -4.64 -7.07
CA THR C 138 10.17 -5.64 -6.71
C THR C 138 9.33 -6.11 -7.89
N SER C 139 9.57 -5.60 -9.09
CA SER C 139 8.80 -5.99 -10.27
C SER C 139 9.64 -6.92 -11.13
N LYS C 140 9.03 -8.01 -11.59
CA LYS C 140 9.67 -8.92 -12.54
C LYS C 140 9.39 -8.40 -13.94
N TYR C 141 10.39 -7.79 -14.57
CA TYR C 141 10.20 -7.26 -15.92
C TYR C 141 11.07 -7.94 -16.97
N ARG C 142 11.58 -9.14 -16.69
CA ARG C 142 12.08 -9.98 -17.76
C ARG C 142 11.65 -11.44 -17.54
N VAL D 2 -0.45 -0.84 22.71
CA VAL D 2 -0.59 -1.78 23.82
C VAL D 2 0.33 -2.99 23.59
N HIS D 3 1.64 -2.81 23.77
CA HIS D 3 2.61 -3.85 23.38
C HIS D 3 4.05 -3.42 23.67
N LEU D 4 4.28 -2.49 24.54
CA LEU D 4 5.60 -1.95 24.82
C LEU D 4 6.24 -2.62 26.04
N THR D 5 7.51 -3.03 25.89
CA THR D 5 8.32 -3.49 27.01
C THR D 5 8.62 -2.35 27.97
N PRO D 6 8.91 -2.66 29.24
CA PRO D 6 9.27 -1.58 30.18
C PRO D 6 10.41 -0.68 29.71
N GLU D 7 11.43 -1.21 29.01
CA GLU D 7 12.54 -0.37 28.57
C GLU D 7 12.14 0.53 27.40
N GLU D 8 11.20 0.08 26.59
CA GLU D 8 10.69 0.93 25.52
C GLU D 8 9.82 2.07 26.07
N LYS D 9 9.03 1.82 27.11
CA LYS D 9 8.28 2.92 27.71
C LYS D 9 9.22 3.97 28.30
N SER D 10 10.28 3.53 28.97
CA SER D 10 11.25 4.46 29.54
C SER D 10 11.85 5.35 28.47
N ALA D 11 12.27 4.75 27.36
CA ALA D 11 12.96 5.50 26.30
C ALA D 11 12.03 6.52 25.64
N VAL D 12 10.77 6.16 25.38
CA VAL D 12 9.88 7.11 24.73
C VAL D 12 9.45 8.22 25.70
N THR D 13 9.28 7.89 26.99
CA THR D 13 8.91 8.91 27.96
C THR D 13 10.01 9.96 28.13
N ALA D 14 11.26 9.51 28.25
CA ALA D 14 12.39 10.40 28.44
C ALA D 14 12.61 11.31 27.23
N LEU D 15 12.55 10.77 26.02
CA LEU D 15 12.72 11.62 24.85
C LEU D 15 11.56 12.60 24.70
N TRP D 16 10.34 12.16 24.99
CA TRP D 16 9.18 13.04 24.78
C TRP D 16 9.18 14.21 25.75
N GLY D 17 9.72 14.02 26.96
CA GLY D 17 9.85 15.13 27.87
C GLY D 17 10.64 16.30 27.30
N LYS D 18 11.46 16.04 26.29
CA LYS D 18 12.26 17.05 25.62
C LYS D 18 11.63 17.54 24.31
N VAL D 19 10.38 17.17 24.02
CA VAL D 19 9.79 17.52 22.73
C VAL D 19 9.12 18.88 22.83
N ASN D 20 9.46 19.78 21.91
CA ASN D 20 8.82 21.08 21.77
C ASN D 20 7.42 20.89 21.17
N VAL D 21 6.41 20.81 22.02
CA VAL D 21 5.07 20.50 21.54
C VAL D 21 4.38 21.69 20.86
N ASP D 22 5.09 22.81 20.71
CA ASP D 22 4.54 23.95 19.97
C ASP D 22 4.96 23.99 18.50
N GLU D 23 6.01 23.25 18.11
CA GLU D 23 6.53 23.27 16.74
C GLU D 23 6.51 21.90 16.06
N VAL D 24 6.69 20.81 16.81
CA VAL D 24 6.84 19.48 16.20
C VAL D 24 5.55 19.03 15.51
N GLY D 25 4.38 19.40 16.04
CA GLY D 25 3.13 19.01 15.40
C GLY D 25 2.94 19.63 14.03
N GLY D 26 3.18 20.94 13.90
CA GLY D 26 3.02 21.59 12.61
C GLY D 26 4.05 21.13 11.60
N GLU D 27 5.26 20.87 12.07
CA GLU D 27 6.31 20.35 11.21
C GLU D 27 5.90 19.01 10.61
N ALA D 28 5.25 18.15 11.41
CA ALA D 28 4.88 16.81 10.94
C ALA D 28 3.65 16.85 10.05
N LEU D 29 2.62 17.61 10.45
CA LEU D 29 1.46 17.79 9.58
C LEU D 29 1.85 18.50 8.28
N GLY D 30 2.75 19.49 8.38
CA GLY D 30 3.21 20.16 7.19
C GLY D 30 3.94 19.22 6.23
N ARG D 31 4.87 18.42 6.75
CA ARG D 31 5.59 17.48 5.89
C ARG D 31 4.64 16.41 5.33
N LEU D 32 3.65 15.97 6.11
CA LEU D 32 2.66 15.04 5.57
C LEU D 32 1.98 15.63 4.34
N LEU D 33 1.54 16.88 4.45
CA LEU D 33 0.89 17.56 3.32
C LEU D 33 1.84 17.72 2.14
N VAL D 34 3.15 17.87 2.38
CA VAL D 34 4.09 18.10 1.29
C VAL D 34 4.54 16.79 0.66
N VAL D 35 4.90 15.80 1.48
CA VAL D 35 5.46 14.57 0.97
C VAL D 35 4.38 13.69 0.32
N TYR D 36 3.14 13.80 0.79
CA TYR D 36 2.03 12.97 0.33
C TYR D 36 0.94 13.93 -0.12
N PRO D 37 1.06 14.48 -1.32
CA PRO D 37 0.25 15.67 -1.69
C PRO D 37 -1.25 15.46 -1.64
N TRP D 38 -1.74 14.24 -1.81
CA TRP D 38 -3.18 14.03 -1.83
C TRP D 38 -3.83 14.33 -0.49
N THR D 39 -3.07 14.30 0.60
CA THR D 39 -3.66 14.58 1.91
C THR D 39 -4.09 16.03 2.05
N GLN D 40 -3.59 16.94 1.20
CA GLN D 40 -4.08 18.32 1.23
C GLN D 40 -5.58 18.39 0.94
N ARG D 41 -6.11 17.41 0.20
CA ARG D 41 -7.54 17.40 -0.11
C ARG D 41 -8.39 17.47 1.15
N PHE D 42 -7.91 16.89 2.26
CA PHE D 42 -8.68 16.89 3.51
C PHE D 42 -8.63 18.22 4.23
N PHE D 43 -7.79 19.16 3.80
CA PHE D 43 -7.60 20.44 4.48
C PHE D 43 -7.88 21.60 3.53
N GLU D 44 -8.99 21.49 2.78
CA GLU D 44 -9.28 22.48 1.76
C GLU D 44 -9.57 23.85 2.35
N SER D 45 -10.06 23.91 3.58
CA SER D 45 -10.37 25.20 4.18
C SER D 45 -9.18 25.86 4.84
N PHE D 46 -7.98 25.27 4.75
CA PHE D 46 -6.83 25.79 5.50
C PHE D 46 -6.08 26.88 4.74
N GLY D 47 -6.50 27.22 3.54
CA GLY D 47 -5.88 28.31 2.82
C GLY D 47 -4.81 27.87 1.85
N ASP D 48 -3.71 28.62 1.81
CA ASP D 48 -2.68 28.43 0.80
C ASP D 48 -1.86 27.19 1.10
N LEU D 49 -1.89 26.21 0.19
CA LEU D 49 -1.11 24.99 0.29
C LEU D 49 -0.41 24.64 -1.02
N SER D 50 -0.11 25.65 -1.86
CA SER D 50 0.33 25.40 -3.23
C SER D 50 1.81 25.03 -3.35
N THR D 51 2.66 25.40 -2.38
CA THR D 51 4.08 25.12 -2.42
C THR D 51 4.51 24.63 -1.04
N PRO D 52 5.70 23.99 -0.94
CA PRO D 52 6.22 23.65 0.39
C PRO D 52 6.27 24.84 1.35
N ASP D 53 6.69 26.02 0.87
CA ASP D 53 6.83 27.16 1.76
C ASP D 53 5.48 27.64 2.26
N ALA D 54 4.47 27.69 1.38
CA ALA D 54 3.14 28.07 1.81
C ALA D 54 2.60 27.10 2.86
N VAL D 55 2.77 25.79 2.64
CA VAL D 55 2.30 24.80 3.61
C VAL D 55 2.97 25.01 4.96
N MET D 56 4.30 24.99 4.99
CA MET D 56 5.01 25.06 6.27
C MET D 56 4.87 26.43 6.94
N GLY D 57 4.44 27.45 6.21
CA GLY D 57 4.13 28.74 6.81
C GLY D 57 2.66 29.05 6.99
N ASN D 58 1.77 28.10 6.67
CA ASN D 58 0.34 28.30 6.85
C ASN D 58 0.00 28.24 8.35
N PRO D 59 -0.45 29.35 8.96
CA PRO D 59 -0.68 29.32 10.42
C PRO D 59 -1.75 28.36 10.88
N LYS D 60 -2.73 28.03 10.02
CA LYS D 60 -3.70 27.00 10.36
C LYS D 60 -3.08 25.61 10.40
N VAL D 61 -2.08 25.33 9.56
CA VAL D 61 -1.40 24.03 9.61
C VAL D 61 -0.64 23.89 10.92
N LYS D 62 0.09 24.93 11.33
CA LYS D 62 0.86 24.88 12.57
C LYS D 62 -0.06 24.83 13.79
N ALA D 63 -1.20 25.55 13.75
CA ALA D 63 -2.11 25.51 14.88
C ALA D 63 -2.75 24.13 15.01
N HIS D 64 -3.18 23.56 13.89
CA HIS D 64 -3.81 22.24 13.96
C HIS D 64 -2.79 21.15 14.29
N GLY D 65 -1.56 21.28 13.78
CA GLY D 65 -0.50 20.32 14.16
C GLY D 65 -0.27 20.27 15.66
N LYS D 66 -0.41 21.40 16.34
CA LYS D 66 -0.32 21.43 17.79
C LYS D 66 -1.43 20.59 18.43
N LYS D 67 -2.64 20.58 17.85
CA LYS D 67 -3.68 19.69 18.35
C LYS D 67 -3.30 18.23 18.10
N VAL D 68 -2.78 17.94 16.91
CA VAL D 68 -2.27 16.60 16.62
C VAL D 68 -1.30 16.15 17.69
N LEU D 69 -0.33 17.00 18.01
CA LEU D 69 0.73 16.58 18.91
C LEU D 69 0.20 16.38 20.32
N GLY D 70 -0.74 17.23 20.77
CA GLY D 70 -1.36 17.00 22.06
C GLY D 70 -2.03 15.64 22.16
N ALA D 71 -2.70 15.22 21.09
CA ALA D 71 -3.35 13.91 21.14
C ALA D 71 -2.34 12.79 21.10
N PHE D 72 -1.20 12.98 20.42
CA PHE D 72 -0.09 12.04 20.56
C PHE D 72 0.46 12.05 21.99
N SER D 73 0.47 13.22 22.66
CA SER D 73 0.90 13.26 24.06
C SER D 73 -0.07 12.48 24.96
N ASP D 74 -1.37 12.70 24.76
CA ASP D 74 -2.39 11.91 25.44
C ASP D 74 -2.13 10.41 25.30
N GLY D 75 -1.78 9.96 24.10
CA GLY D 75 -1.55 8.54 23.90
C GLY D 75 -0.31 8.01 24.60
N LEU D 76 0.71 8.85 24.75
CA LEU D 76 1.96 8.45 25.40
C LEU D 76 1.83 8.38 26.92
N ALA D 77 0.89 9.15 27.50
CA ALA D 77 0.59 9.00 28.92
C ALA D 77 -0.37 7.86 29.19
N HIS D 78 -0.92 7.23 28.16
CA HIS D 78 -1.86 6.13 28.33
C HIS D 78 -1.51 4.98 27.38
N LEU D 79 -0.23 4.57 27.42
CA LEU D 79 0.32 3.68 26.40
C LEU D 79 -0.35 2.31 26.36
N ASP D 80 -0.85 1.82 27.51
CA ASP D 80 -1.54 0.55 27.55
C ASP D 80 -3.05 0.67 27.33
N ASN D 81 -3.54 1.85 26.99
CA ASN D 81 -4.94 2.01 26.58
C ASN D 81 -5.01 2.99 25.39
N LEU D 82 -4.32 2.63 24.31
CA LEU D 82 -4.37 3.45 23.10
C LEU D 82 -5.74 3.39 22.43
N LYS D 83 -6.43 2.25 22.51
CA LYS D 83 -7.74 2.12 21.87
C LYS D 83 -8.74 3.13 22.43
N GLY D 84 -8.81 3.27 23.75
CA GLY D 84 -9.76 4.19 24.35
C GLY D 84 -9.34 5.64 24.24
N THR D 85 -8.05 5.92 24.38
CA THR D 85 -7.55 7.29 24.30
C THR D 85 -7.96 7.95 23.00
N PHE D 86 -8.00 7.19 21.90
CA PHE D 86 -8.25 7.71 20.56
C PHE D 86 -9.62 7.36 20.02
N ALA D 87 -10.48 6.68 20.79
CA ALA D 87 -11.74 6.16 20.26
C ALA D 87 -12.55 7.26 19.57
N THR D 88 -12.66 8.44 20.18
CA THR D 88 -13.49 9.50 19.62
C THR D 88 -12.87 10.09 18.35
N LEU D 89 -11.56 10.29 18.34
CA LEU D 89 -10.90 10.68 17.11
C LEU D 89 -11.06 9.62 16.03
N SER D 90 -11.11 8.34 16.43
CA SER D 90 -11.30 7.26 15.46
C SER D 90 -12.66 7.36 14.78
N GLU D 91 -13.71 7.68 15.56
CA GLU D 91 -15.03 7.95 14.98
C GLU D 91 -14.98 9.12 13.99
N LEU D 92 -14.31 10.22 14.36
CA LEU D 92 -14.24 11.37 13.46
C LEU D 92 -13.45 11.04 12.19
N HIS D 93 -12.28 10.43 12.33
CA HIS D 93 -11.44 10.19 11.16
C HIS D 93 -12.00 9.07 10.27
N CYS D 94 -12.66 8.08 10.87
CA CYS D 94 -13.12 6.93 10.08
C CYS D 94 -14.56 7.06 9.61
N ASP D 95 -15.46 7.53 10.48
CA ASP D 95 -16.88 7.56 10.14
C ASP D 95 -17.30 8.89 9.54
N LYS D 96 -16.66 9.99 9.93
CA LYS D 96 -17.06 11.28 9.41
C LYS D 96 -16.17 11.74 8.25
N LEU D 97 -14.84 11.64 8.36
CA LEU D 97 -13.90 12.15 7.37
C LEU D 97 -13.48 11.12 6.34
N HIS D 98 -13.60 9.83 6.67
CA HIS D 98 -13.23 8.73 5.76
C HIS D 98 -11.78 8.85 5.25
N VAL D 99 -10.87 9.23 6.14
CA VAL D 99 -9.45 9.14 5.86
C VAL D 99 -9.04 7.67 5.84
N ASP D 100 -8.54 7.20 4.70
CA ASP D 100 -8.05 5.83 4.61
C ASP D 100 -6.92 5.58 5.62
N PRO D 101 -6.97 4.46 6.35
CA PRO D 101 -6.02 4.27 7.47
C PRO D 101 -4.56 4.19 7.07
N GLU D 102 -4.22 3.82 5.83
CA GLU D 102 -2.83 3.91 5.40
C GLU D 102 -2.27 5.31 5.61
N ASN D 103 -3.11 6.34 5.68
CA ASN D 103 -2.64 7.69 5.94
C ASN D 103 -2.21 7.88 7.40
N PHE D 104 -2.83 7.14 8.32
CA PHE D 104 -2.41 7.18 9.71
C PHE D 104 -0.99 6.66 9.87
N ARG D 105 -0.64 5.59 9.13
CA ARG D 105 0.71 5.06 9.15
C ARG D 105 1.70 6.08 8.61
N LEU D 106 1.29 6.79 7.57
CA LEU D 106 2.19 7.75 6.93
C LEU D 106 2.53 8.89 7.88
N LEU D 107 1.51 9.48 8.52
CA LEU D 107 1.77 10.56 9.48
C LEU D 107 2.65 10.09 10.63
N GLY D 108 2.34 8.91 11.18
CA GLY D 108 3.18 8.35 12.22
C GLY D 108 4.64 8.30 11.81
N ASN D 109 4.90 7.86 10.59
CA ASN D 109 6.28 7.76 10.12
C ASN D 109 6.85 9.12 9.77
N VAL D 110 6.02 10.05 9.26
CA VAL D 110 6.52 11.42 9.12
C VAL D 110 6.95 11.97 10.47
N LEU D 111 6.12 11.80 11.49
CA LEU D 111 6.52 12.19 12.84
C LEU D 111 7.86 11.55 13.24
N VAL D 112 8.08 10.28 12.89
CA VAL D 112 9.35 9.67 13.26
C VAL D 112 10.51 10.38 12.57
N CYS D 113 10.32 10.78 11.30
CA CYS D 113 11.35 11.50 10.57
C CYS D 113 11.64 12.86 11.20
N VAL D 114 10.59 13.54 11.68
CA VAL D 114 10.76 14.84 12.32
C VAL D 114 11.50 14.69 13.65
N LEU D 115 11.19 13.64 14.42
CA LEU D 115 11.94 13.40 15.65
C LEU D 115 13.41 13.16 15.36
N ALA D 116 13.72 12.35 14.34
CA ALA D 116 15.10 12.15 13.93
C ALA D 116 15.74 13.46 13.48
N HIS D 117 15.03 14.22 12.65
CA HIS D 117 15.52 15.50 12.18
C HIS D 117 15.89 16.43 13.35
N HIS D 118 15.06 16.48 14.38
CA HIS D 118 15.40 17.46 15.39
C HIS D 118 16.40 16.94 16.40
N PHE D 119 16.54 15.62 16.58
CA PHE D 119 17.43 15.08 17.61
C PHE D 119 18.75 14.54 17.09
N GLY D 120 18.89 14.29 15.79
CA GLY D 120 20.17 13.85 15.27
C GLY D 120 20.59 12.52 15.87
N LYS D 121 21.85 12.45 16.31
CA LYS D 121 22.44 11.20 16.81
C LYS D 121 21.71 10.69 18.04
N GLU D 122 21.01 11.56 18.77
CA GLU D 122 20.29 11.13 19.97
C GLU D 122 19.05 10.28 19.64
N PHE D 123 18.55 10.31 18.40
CA PHE D 123 17.45 9.44 17.99
C PHE D 123 18.04 8.13 17.48
N THR D 124 18.42 7.29 18.44
CA THR D 124 19.21 6.11 18.15
C THR D 124 18.32 4.98 17.62
N PRO D 125 18.91 3.96 16.99
CA PRO D 125 18.09 2.84 16.49
C PRO D 125 17.17 2.28 17.56
N PRO D 126 17.62 2.11 18.81
CA PRO D 126 16.68 1.69 19.86
C PRO D 126 15.59 2.71 20.16
N VAL D 127 15.90 4.01 20.22
CA VAL D 127 14.83 5.00 20.44
C VAL D 127 13.83 4.94 19.29
N GLN D 128 14.33 4.87 18.04
CA GLN D 128 13.43 4.76 16.89
C GLN D 128 12.53 3.53 16.99
N ALA D 129 13.11 2.38 17.29
CA ALA D 129 12.32 1.14 17.32
C ALA D 129 11.20 1.24 18.34
N ALA D 130 11.49 1.81 19.52
CA ALA D 130 10.45 1.98 20.51
C ALA D 130 9.38 2.96 20.03
N TYR D 131 9.78 4.03 19.35
CA TYR D 131 8.80 4.95 18.80
C TYR D 131 8.03 4.34 17.63
N GLN D 132 8.65 3.42 16.87
CA GLN D 132 7.90 2.74 15.82
C GLN D 132 6.72 1.99 16.42
N LYS D 133 6.88 1.43 17.62
CA LYS D 133 5.67 0.79 18.17
C LYS D 133 4.68 1.82 18.71
N VAL D 134 5.08 3.02 19.17
CA VAL D 134 4.11 4.06 19.52
C VAL D 134 3.25 4.41 18.31
N VAL D 135 3.86 4.90 17.22
CA VAL D 135 3.05 5.42 16.12
C VAL D 135 2.22 4.31 15.45
N ALA D 136 2.70 3.05 15.50
CA ALA D 136 1.89 1.96 14.96
C ALA D 136 0.69 1.66 15.84
N GLY D 137 0.83 1.81 17.16
CA GLY D 137 -0.30 1.68 18.05
C GLY D 137 -1.30 2.81 17.93
N VAL D 138 -0.81 4.03 17.65
CA VAL D 138 -1.71 5.16 17.44
C VAL D 138 -2.45 4.98 16.12
N ALA D 139 -1.75 4.59 15.05
CA ALA D 139 -2.41 4.34 13.78
C ALA D 139 -3.49 3.27 13.96
N ASN D 140 -3.12 2.15 14.59
CA ASN D 140 -4.08 1.07 14.82
C ASN D 140 -5.29 1.57 15.62
N ALA D 141 -5.05 2.34 16.68
CA ALA D 141 -6.15 2.84 17.49
C ALA D 141 -7.08 3.73 16.68
N LEU D 142 -6.50 4.70 15.96
CA LEU D 142 -7.29 5.58 15.12
C LEU D 142 -8.10 4.84 14.05
N ALA D 143 -7.68 3.63 13.67
CA ALA D 143 -8.41 2.84 12.69
C ALA D 143 -9.42 1.89 13.31
N HIS D 144 -9.64 1.98 14.64
CA HIS D 144 -10.47 1.00 15.33
C HIS D 144 -11.89 0.98 14.79
N LYS D 145 -12.46 2.14 14.45
CA LYS D 145 -13.84 2.14 13.98
C LYS D 145 -13.99 1.50 12.61
N TYR D 146 -12.89 1.27 11.89
CA TYR D 146 -12.92 0.41 10.70
C TYR D 146 -12.90 -1.08 11.06
N HIS D 147 -12.39 -1.43 12.23
CA HIS D 147 -12.17 -2.83 12.62
C HIS D 147 -13.46 -3.50 13.09
#